data_2R1B
#
_entry.id   2R1B
#
_cell.length_a   84.122
_cell.length_b   39.260
_cell.length_c   85.410
_cell.angle_alpha   90.00
_cell.angle_beta   115.47
_cell.angle_gamma   90.00
#
_symmetry.space_group_name_H-M   'P 1 21 1'
#
loop_
_entity.id
_entity.type
_entity.pdbx_description
1 polymer Neurexin-1-beta
2 non-polymer 'CALCIUM ION'
3 water water
#
_entity_poly.entity_id   1
_entity_poly.type   'polypeptide(L)'
_entity_poly.pdbx_seq_one_letter_code
;GSSLRGGHAGTTYIFSKGGGQITYKWPPNDRPSTRADRLAIGFSTVQKEAVLVRVDSSSGLGDYLELHIHQGKIGVKFNV
GTDDIAIEESNAIINDGKYHVVRFTRSGGNATLQVDSWPVIERYPAGNNDNERLAIARQRIPYRLGRVVDEWLLDKGRQL
TIFNSQATIIIGGKEQGQPFQGQLSGLYYNGLKVLNMAAENDANIAIVGNVRLVGEVPSS
;
_entity_poly.pdbx_strand_id   A,B
#
loop_
_chem_comp.id
_chem_comp.type
_chem_comp.name
_chem_comp.formula
CA non-polymer 'CALCIUM ION' 'Ca 2'
#
# COMPACT_ATOMS: atom_id res chain seq x y z
N GLY A 6 13.80 18.68 -25.11
CA GLY A 6 14.32 19.41 -26.31
C GLY A 6 15.32 18.56 -27.08
N GLY A 7 16.43 19.18 -27.49
CA GLY A 7 17.46 18.48 -28.29
C GLY A 7 18.80 18.61 -27.61
N HIS A 8 19.89 18.38 -28.35
CA HIS A 8 21.24 18.54 -27.82
C HIS A 8 21.44 19.99 -27.31
N ALA A 9 21.77 20.18 -26.04
CA ALA A 9 21.95 21.56 -25.54
C ALA A 9 23.33 21.80 -24.98
N GLY A 10 23.87 23.00 -25.23
CA GLY A 10 25.23 23.38 -24.74
C GLY A 10 26.30 22.59 -25.49
N THR A 11 27.41 22.28 -24.82
CA THR A 11 28.56 21.64 -25.48
C THR A 11 28.23 20.25 -26.04
N THR A 12 28.44 20.14 -27.35
CA THR A 12 28.10 18.89 -28.09
C THR A 12 29.21 18.45 -29.03
N TYR A 13 29.48 17.15 -29.06
CA TYR A 13 30.50 16.59 -30.00
C TYR A 13 29.86 15.57 -30.93
N ILE A 14 30.33 15.53 -32.17
CA ILE A 14 29.88 14.47 -33.12
C ILE A 14 31.03 13.48 -33.36
N PHE A 15 30.70 12.17 -33.26
CA PHE A 15 31.60 11.04 -33.55
C PHE A 15 31.22 10.45 -34.90
N SER A 16 32.18 10.38 -35.82
CA SER A 16 31.87 9.94 -37.20
C SER A 16 32.70 8.73 -37.65
N LYS A 17 32.39 8.18 -38.84
CA LYS A 17 33.32 7.26 -39.51
C LYS A 17 33.91 6.17 -38.64
N GLY A 18 35.22 6.14 -38.66
CA GLY A 18 36.02 5.27 -37.81
C GLY A 18 35.93 5.53 -36.32
N GLY A 19 35.27 6.61 -35.93
CA GLY A 19 35.15 6.92 -34.51
C GLY A 19 36.37 7.56 -33.89
N GLY A 20 36.26 7.80 -32.60
CA GLY A 20 37.27 8.59 -31.92
C GLY A 20 37.02 8.52 -30.43
N GLN A 21 37.75 9.33 -29.67
CA GLN A 21 37.78 9.15 -28.24
C GLN A 21 38.09 10.47 -27.55
N ILE A 22 37.40 10.75 -26.45
CA ILE A 22 37.81 11.84 -25.55
C ILE A 22 38.18 11.17 -24.22
N THR A 23 39.37 11.44 -23.67
CA THR A 23 39.82 10.81 -22.43
C THR A 23 40.13 11.83 -21.31
N TYR A 24 39.46 11.72 -20.16
CA TYR A 24 39.83 12.51 -18.96
C TYR A 24 40.69 11.64 -18.04
N LYS A 25 41.87 12.14 -17.66
CA LYS A 25 42.76 11.40 -16.78
C LYS A 25 43.01 12.20 -15.49
N TRP A 26 42.60 11.66 -14.34
CA TRP A 26 42.86 12.32 -13.07
C TRP A 26 44.36 12.28 -12.80
N PRO A 27 44.92 13.38 -12.29
CA PRO A 27 46.28 13.34 -11.75
C PRO A 27 46.38 12.21 -10.73
N PRO A 28 47.51 11.48 -10.71
CA PRO A 28 47.71 10.31 -9.85
C PRO A 28 47.33 10.47 -8.38
N ASN A 29 47.60 11.63 -7.79
CA ASN A 29 47.30 11.83 -6.37
C ASN A 29 45.85 12.25 -6.06
N ASP A 30 45.08 12.45 -7.12
CA ASP A 30 43.72 12.99 -7.05
C ASP A 30 42.65 11.98 -7.50
N ARG A 31 42.99 10.70 -7.64
CA ARG A 31 41.94 9.72 -8.05
C ARG A 31 40.87 9.56 -6.95
N PRO A 32 39.58 9.78 -7.28
CA PRO A 32 38.53 9.58 -6.29
C PRO A 32 38.10 8.12 -6.01
N SER A 33 37.58 7.90 -4.79
CA SER A 33 36.94 6.64 -4.36
C SER A 33 35.59 7.03 -3.78
N THR A 34 34.48 6.59 -4.41
CA THR A 34 33.13 7.09 -4.05
C THR A 34 32.15 6.02 -3.53
N ARG A 35 31.37 6.37 -2.50
CA ARG A 35 30.24 5.54 -2.07
C ARG A 35 29.03 5.63 -2.98
N ALA A 36 28.87 6.76 -3.69
CA ALA A 36 27.71 7.05 -4.53
C ALA A 36 28.14 7.73 -5.84
N ASP A 37 27.46 7.40 -6.95
CA ASP A 37 27.78 7.94 -8.26
C ASP A 37 26.49 8.42 -8.92
N ARG A 38 26.64 9.46 -9.75
CA ARG A 38 25.56 10.00 -10.56
C ARG A 38 26.14 10.36 -11.95
N LEU A 39 25.48 9.84 -13.00
CA LEU A 39 25.90 9.98 -14.40
C LEU A 39 24.68 10.34 -15.24
N ALA A 40 24.79 11.40 -16.05
CA ALA A 40 23.74 11.75 -17.05
C ALA A 40 24.39 12.09 -18.39
N ILE A 41 23.69 11.77 -19.50
CA ILE A 41 24.20 12.21 -20.83
C ILE A 41 22.99 12.29 -21.80
N GLY A 42 23.12 13.12 -22.83
CA GLY A 42 22.16 13.14 -23.99
C GLY A 42 22.83 12.48 -25.19
N PHE A 43 22.07 11.71 -25.96
CA PHE A 43 22.68 11.07 -27.15
C PHE A 43 21.71 10.88 -28.28
N SER A 44 22.24 10.68 -29.50
CA SER A 44 21.40 10.24 -30.68
C SER A 44 22.30 9.33 -31.56
N THR A 45 21.76 8.23 -32.06
CA THR A 45 22.51 7.27 -32.92
C THR A 45 21.52 6.34 -33.60
N VAL A 46 21.92 5.67 -34.68
CA VAL A 46 21.09 4.56 -35.24
C VAL A 46 21.74 3.17 -34.98
N GLN A 47 22.84 3.14 -34.22
CA GLN A 47 23.52 1.85 -33.99
C GLN A 47 22.76 0.87 -33.09
N LYS A 48 22.75 -0.43 -33.49
CA LYS A 48 22.22 -1.47 -32.58
C LYS A 48 23.15 -1.71 -31.38
N GLU A 49 24.47 -1.52 -31.54
CA GLU A 49 25.45 -1.83 -30.50
C GLU A 49 26.59 -0.77 -30.47
N ALA A 50 26.93 -0.29 -29.27
CA ALA A 50 28.01 0.67 -29.05
C ALA A 50 28.32 0.88 -27.57
N VAL A 51 29.57 1.26 -27.23
CA VAL A 51 29.87 1.72 -25.84
C VAL A 51 29.94 3.27 -25.87
N LEU A 52 29.26 3.94 -24.93
CA LEU A 52 29.26 5.40 -24.89
C LEU A 52 30.29 5.98 -23.88
N VAL A 53 30.20 5.51 -22.64
CA VAL A 53 31.10 6.05 -21.57
C VAL A 53 31.58 4.92 -20.70
N ARG A 54 32.88 4.95 -20.37
CA ARG A 54 33.35 3.99 -19.38
C ARG A 54 34.26 4.69 -18.38
N VAL A 55 34.04 4.39 -17.11
CA VAL A 55 34.97 4.87 -16.02
C VAL A 55 35.76 3.65 -15.51
N ASP A 56 37.10 3.69 -15.52
CA ASP A 56 37.89 2.56 -15.06
C ASP A 56 38.70 2.98 -13.84
N SER A 57 38.88 2.08 -12.89
CA SER A 57 39.88 2.24 -11.83
C SER A 57 41.31 2.08 -12.38
N SER A 58 42.32 2.41 -11.58
CA SER A 58 43.72 2.33 -12.03
C SER A 58 44.12 0.87 -12.39
N SER A 59 45.27 0.68 -13.05
CA SER A 59 45.52 -0.69 -13.51
C SER A 59 45.77 -1.67 -12.38
N GLY A 60 45.30 -2.90 -12.59
CA GLY A 60 45.51 -3.97 -11.61
C GLY A 60 44.36 -4.01 -10.61
N LEU A 61 43.50 -2.99 -10.66
CA LEU A 61 42.25 -3.00 -9.86
C LEU A 61 41.03 -3.29 -10.76
N GLY A 62 39.98 -3.88 -10.17
CA GLY A 62 38.85 -4.41 -10.97
C GLY A 62 37.57 -3.57 -11.11
N ASP A 63 37.39 -2.53 -10.29
CA ASP A 63 36.08 -1.83 -10.34
C ASP A 63 35.93 -1.02 -11.63
N TYR A 64 34.70 -0.90 -12.12
CA TYR A 64 34.39 -0.18 -13.38
C TYR A 64 32.90 0.14 -13.49
N LEU A 65 32.57 1.04 -14.42
CA LEU A 65 31.17 1.45 -14.72
C LEU A 65 31.13 1.67 -16.26
N GLU A 66 30.15 1.10 -16.96
CA GLU A 66 30.06 1.22 -18.44
C GLU A 66 28.62 1.48 -18.85
N LEU A 67 28.43 2.47 -19.72
CA LEU A 67 27.12 2.85 -20.23
C LEU A 67 27.18 2.44 -21.69
N HIS A 68 26.28 1.57 -22.14
CA HIS A 68 26.32 1.04 -23.48
C HIS A 68 24.91 0.82 -24.09
N ILE A 69 24.93 0.49 -25.39
CA ILE A 69 23.67 0.15 -26.17
C ILE A 69 23.88 -1.26 -26.67
N HIS A 70 22.86 -2.13 -26.47
CA HIS A 70 22.86 -3.55 -26.93
C HIS A 70 21.48 -3.91 -27.47
N GLN A 71 21.40 -4.47 -28.71
CA GLN A 71 20.11 -4.76 -29.35
C GLN A 71 19.21 -3.51 -29.34
N GLY A 72 19.81 -2.32 -29.49
CA GLY A 72 19.02 -1.05 -29.65
C GLY A 72 18.43 -0.56 -28.30
N LYS A 73 18.95 -1.10 -27.17
CA LYS A 73 18.45 -0.77 -25.79
C LYS A 73 19.58 -0.16 -24.96
N ILE A 74 19.29 0.91 -24.21
CA ILE A 74 20.36 1.40 -23.31
C ILE A 74 20.47 0.60 -21.99
N GLY A 75 21.71 0.43 -21.52
CA GLY A 75 21.96 -0.30 -20.28
C GLY A 75 23.27 0.08 -19.61
N VAL A 76 23.45 -0.42 -18.38
CA VAL A 76 24.72 -0.17 -17.71
C VAL A 76 25.19 -1.51 -17.10
N LYS A 77 26.50 -1.68 -16.94
CA LYS A 77 27.09 -2.83 -16.23
C LYS A 77 28.14 -2.19 -15.31
N PHE A 78 28.24 -2.67 -14.08
CA PHE A 78 29.26 -2.15 -13.18
C PHE A 78 29.74 -3.22 -12.19
N ASN A 79 30.90 -2.99 -11.57
CA ASN A 79 31.39 -3.87 -10.53
C ASN A 79 32.11 -2.96 -9.53
N VAL A 80 31.76 -3.11 -8.25
CA VAL A 80 32.43 -2.34 -7.19
C VAL A 80 33.09 -3.24 -6.15
N GLY A 81 33.18 -4.55 -6.42
CA GLY A 81 34.10 -5.41 -5.67
C GLY A 81 33.70 -6.86 -5.52
N THR A 82 32.48 -7.18 -5.95
CA THR A 82 32.02 -8.56 -5.97
C THR A 82 31.70 -9.05 -7.37
N ASP A 83 30.42 -9.05 -7.70
CA ASP A 83 29.96 -9.60 -8.96
C ASP A 83 29.55 -8.48 -9.89
N ASP A 84 29.53 -8.78 -11.18
CA ASP A 84 29.08 -7.80 -12.16
C ASP A 84 27.56 -7.62 -12.00
N ILE A 85 27.11 -6.36 -12.09
CA ILE A 85 25.69 -6.04 -11.96
C ILE A 85 25.26 -5.35 -13.23
N ALA A 86 24.09 -5.70 -13.77
CA ALA A 86 23.64 -5.18 -15.07
C ALA A 86 22.21 -4.68 -14.94
N ILE A 87 21.91 -3.53 -15.55
CA ILE A 87 20.55 -3.01 -15.54
C ILE A 87 20.28 -2.50 -16.95
N GLU A 88 19.11 -2.84 -17.51
CA GLU A 88 18.76 -2.37 -18.87
C GLU A 88 17.29 -1.88 -18.96
N GLU A 89 17.06 -0.83 -19.77
CA GLU A 89 15.68 -0.45 -20.14
C GLU A 89 15.27 -1.32 -21.33
N SER A 90 14.68 -2.49 -21.04
CA SER A 90 14.40 -3.48 -22.12
C SER A 90 13.19 -3.16 -22.97
N ASN A 91 12.45 -2.11 -22.59
CA ASN A 91 11.13 -1.85 -23.20
C ASN A 91 11.00 -0.50 -23.95
N ALA A 92 12.15 0.10 -24.30
CA ALA A 92 12.15 1.29 -25.16
C ALA A 92 13.30 1.17 -26.15
N ILE A 93 12.98 1.00 -27.44
CA ILE A 93 14.03 1.00 -28.50
C ILE A 93 14.53 2.46 -28.70
N ILE A 94 15.85 2.71 -28.59
CA ILE A 94 16.42 4.09 -28.62
C ILE A 94 17.44 4.39 -29.74
N ASN A 95 17.67 3.46 -30.67
CA ASN A 95 18.58 3.65 -31.79
C ASN A 95 17.78 4.16 -33.01
N ASP A 96 16.89 5.14 -32.76
CA ASP A 96 16.04 5.68 -33.82
C ASP A 96 16.55 7.01 -34.44
N GLY A 97 17.78 7.40 -34.05
CA GLY A 97 18.46 8.65 -34.59
C GLY A 97 17.89 9.93 -33.97
N LYS A 98 17.05 9.76 -32.96
CA LYS A 98 16.43 10.92 -32.27
C LYS A 98 17.11 11.17 -30.90
N TYR A 99 16.92 12.37 -30.31
CA TYR A 99 17.63 12.68 -29.03
C TYR A 99 16.95 11.98 -27.84
N HIS A 100 17.79 11.38 -26.97
CA HIS A 100 17.32 10.74 -25.73
C HIS A 100 18.26 11.16 -24.59
N VAL A 101 17.77 11.05 -23.37
CA VAL A 101 18.54 11.34 -22.15
C VAL A 101 18.55 10.09 -21.29
N VAL A 102 19.67 9.84 -20.60
CA VAL A 102 19.74 8.72 -19.65
C VAL A 102 20.30 9.25 -18.31
N ARG A 103 19.73 8.76 -17.21
CA ARG A 103 20.22 9.10 -15.85
C ARG A 103 20.52 7.77 -15.14
N PHE A 104 21.71 7.65 -14.54
CA PHE A 104 22.08 6.45 -13.79
C PHE A 104 22.57 6.92 -12.42
N THR A 105 22.18 6.23 -11.33
CA THR A 105 22.76 6.45 -10.01
C THR A 105 23.08 5.11 -9.33
N ARG A 106 24.05 5.16 -8.42
CA ARG A 106 24.40 4.04 -7.56
C ARG A 106 24.64 4.63 -6.18
N SER A 107 24.20 3.92 -5.14
CA SER A 107 24.40 4.31 -3.76
C SER A 107 24.70 3.01 -3.07
N GLY A 108 25.98 2.81 -2.74
CA GLY A 108 26.46 1.53 -2.20
C GLY A 108 26.10 0.38 -3.14
N GLY A 109 25.30 -0.54 -2.63
CA GLY A 109 24.88 -1.71 -3.44
C GLY A 109 23.66 -1.50 -4.32
N ASN A 110 22.89 -0.43 -4.03
CA ASN A 110 21.67 -0.08 -4.79
C ASN A 110 21.95 0.71 -6.06
N ALA A 111 21.04 0.64 -7.04
CA ALA A 111 21.20 1.44 -8.26
C ALA A 111 19.88 1.67 -8.97
N THR A 112 19.89 2.70 -9.83
CA THR A 112 18.70 3.05 -10.65
C THR A 112 19.11 3.45 -12.07
N LEU A 113 18.18 3.24 -13.01
CA LEU A 113 18.38 3.68 -14.39
C LEU A 113 17.10 4.29 -14.91
N GLN A 114 17.20 5.40 -15.65
CA GLN A 114 15.96 6.05 -16.23
C GLN A 114 16.25 6.61 -17.61
N VAL A 115 15.47 6.23 -18.62
CA VAL A 115 15.62 6.74 -19.98
C VAL A 115 14.47 7.70 -20.25
N ASP A 116 14.74 8.91 -20.77
CA ASP A 116 13.69 9.87 -21.10
C ASP A 116 12.79 10.04 -19.86
N SER A 117 11.46 10.00 -20.01
CA SER A 117 10.54 10.13 -18.87
C SER A 117 9.84 8.79 -18.54
N TRP A 118 10.40 7.66 -19.03
CA TRP A 118 9.87 6.33 -18.65
C TRP A 118 10.08 6.03 -17.16
N PRO A 119 9.34 5.07 -16.59
CA PRO A 119 9.53 4.76 -15.16
C PRO A 119 10.98 4.47 -14.74
N VAL A 120 11.39 4.89 -13.54
CA VAL A 120 12.72 4.54 -13.00
C VAL A 120 12.79 3.01 -12.74
N ILE A 121 13.89 2.38 -13.14
CA ILE A 121 14.14 0.95 -12.88
C ILE A 121 15.05 0.90 -11.65
N GLU A 122 14.58 0.23 -10.60
CA GLU A 122 15.31 0.17 -9.34
C GLU A 122 15.88 -1.24 -9.15
N ARG A 123 17.16 -1.32 -8.78
CA ARG A 123 17.77 -2.60 -8.42
C ARG A 123 18.31 -2.58 -6.98
N TYR A 124 17.95 -3.63 -6.24
CA TYR A 124 18.39 -3.86 -4.85
C TYR A 124 19.50 -4.93 -4.86
N PRO A 142 34.80 -1.72 23.43
CA PRO A 142 35.91 -2.54 24.52
C PRO A 142 36.79 -1.40 25.11
N TYR A 143 38.02 -1.34 24.61
CA TYR A 143 38.92 -0.20 24.85
C TYR A 143 39.66 0.19 23.55
N ARG A 144 40.79 0.90 23.65
CA ARG A 144 41.43 1.55 22.49
C ARG A 144 41.61 0.59 21.33
N LEU A 145 42.38 -0.45 21.61
CA LEU A 145 42.80 -1.36 20.54
C LEU A 145 41.65 -2.11 19.85
N GLY A 146 40.70 -2.60 20.64
CA GLY A 146 39.50 -3.25 20.09
C GLY A 146 38.75 -2.38 19.12
N ARG A 147 38.61 -1.09 19.44
CA ARG A 147 37.89 -0.13 18.59
C ARG A 147 38.59 0.04 17.23
N VAL A 148 39.92 0.26 17.27
CA VAL A 148 40.69 0.43 16.02
C VAL A 148 40.59 -0.78 15.09
N VAL A 149 40.78 -1.97 15.66
CA VAL A 149 40.72 -3.22 14.87
C VAL A 149 39.32 -3.45 14.30
N ASP A 150 38.31 -3.25 15.13
CA ASP A 150 36.91 -3.40 14.65
C ASP A 150 36.59 -2.47 13.48
N GLU A 151 37.09 -1.23 13.53
CA GLU A 151 36.91 -0.27 12.43
C GLU A 151 37.71 -0.63 11.19
N TRP A 152 38.92 -1.20 11.38
CA TRP A 152 39.71 -1.66 10.24
C TRP A 152 38.98 -2.80 9.54
N LEU A 153 38.38 -3.69 10.32
CA LEU A 153 37.60 -4.81 9.75
C LEU A 153 36.33 -4.31 9.03
N LEU A 154 35.67 -3.30 9.60
CA LEU A 154 34.52 -2.67 8.91
C LEU A 154 34.92 -1.92 7.61
N ASP A 155 36.08 -1.27 7.66
CA ASP A 155 36.69 -0.50 6.58
C ASP A 155 36.89 -1.40 5.36
N LYS A 156 37.39 -2.59 5.67
CA LYS A 156 37.58 -3.66 4.66
C LYS A 156 36.29 -4.01 3.94
N GLY A 157 35.23 -4.34 4.69
CA GLY A 157 33.98 -4.78 4.07
C GLY A 157 33.31 -3.65 3.32
N ARG A 158 33.52 -2.42 3.78
CA ARG A 158 32.92 -1.24 3.10
C ARG A 158 33.44 -1.02 1.67
N GLN A 159 34.70 -1.38 1.41
CA GLN A 159 35.24 -1.21 0.06
C GLN A 159 34.46 -1.98 -1.01
N LEU A 160 33.74 -3.05 -0.62
CA LEU A 160 32.93 -3.84 -1.57
C LEU A 160 31.74 -3.04 -2.11
N THR A 161 31.43 -1.90 -1.51
CA THR A 161 30.39 -1.02 -2.09
C THR A 161 30.87 0.42 -2.38
N ILE A 162 32.17 0.52 -2.60
CA ILE A 162 32.78 1.78 -2.96
C ILE A 162 33.47 1.61 -4.31
N PHE A 163 33.38 2.63 -5.16
CA PHE A 163 34.03 2.61 -6.47
C PHE A 163 35.45 3.16 -6.25
N ASN A 164 36.43 2.26 -6.08
CA ASN A 164 37.81 2.67 -5.74
C ASN A 164 38.73 3.13 -6.89
N SER A 165 39.50 4.19 -6.61
CA SER A 165 40.69 4.63 -7.35
C SER A 165 40.39 4.88 -8.82
N GLN A 166 39.38 5.72 -9.06
CA GLN A 166 38.97 6.06 -10.44
C GLN A 166 40.10 6.79 -11.19
N ALA A 167 40.46 6.30 -12.40
CA ALA A 167 41.70 6.74 -13.09
C ALA A 167 41.45 7.44 -14.45
N THR A 168 40.43 6.98 -15.18
CA THR A 168 40.05 7.58 -16.48
C THR A 168 38.54 7.60 -16.71
N ILE A 169 38.08 8.60 -17.46
CA ILE A 169 36.72 8.59 -18.09
C ILE A 169 36.97 8.58 -19.59
N ILE A 170 36.53 7.52 -20.27
CA ILE A 170 36.79 7.39 -21.71
C ILE A 170 35.45 7.42 -22.43
N ILE A 171 35.30 8.35 -23.39
CA ILE A 171 34.03 8.57 -24.11
C ILE A 171 34.24 8.16 -25.57
N GLY A 172 33.34 7.33 -26.12
CA GLY A 172 33.43 6.99 -27.55
C GLY A 172 33.55 5.54 -27.93
N GLY A 173 33.91 4.68 -26.95
CA GLY A 173 33.86 3.23 -27.11
C GLY A 173 34.89 2.54 -27.99
N LYS A 174 35.78 3.32 -28.60
CA LYS A 174 36.71 2.75 -29.56
C LYS A 174 37.68 1.77 -28.91
N GLU A 175 38.19 2.15 -27.74
CA GLU A 175 39.14 1.32 -26.98
C GLU A 175 38.52 0.00 -26.53
N GLN A 176 37.21 0.03 -26.30
CA GLN A 176 36.47 -1.17 -25.95
C GLN A 176 36.03 -1.99 -27.19
N GLY A 177 36.43 -1.61 -28.41
CA GLY A 177 35.99 -2.36 -29.63
C GLY A 177 34.55 -2.15 -30.14
N GLN A 178 33.84 -1.18 -29.57
CA GLN A 178 32.44 -0.87 -29.96
C GLN A 178 32.27 0.65 -30.22
N PRO A 179 32.90 1.18 -31.27
CA PRO A 179 32.97 2.64 -31.41
C PRO A 179 31.59 3.22 -31.59
N PHE A 180 31.33 4.32 -30.88
CA PHE A 180 30.10 5.10 -31.05
C PHE A 180 30.14 5.99 -32.32
N GLN A 181 28.99 6.05 -33.02
CA GLN A 181 28.79 6.97 -34.13
C GLN A 181 27.47 7.72 -33.87
N GLY A 182 27.53 9.06 -33.83
CA GLY A 182 26.32 9.86 -33.42
C GLY A 182 26.77 11.12 -32.69
N GLN A 183 25.87 11.72 -31.92
CA GLN A 183 26.16 12.99 -31.20
C GLN A 183 25.96 12.75 -29.68
N LEU A 184 26.83 13.38 -28.89
CA LEU A 184 26.77 13.28 -27.42
C LEU A 184 26.76 14.72 -26.88
N SER A 185 25.95 14.96 -25.84
CA SER A 185 25.97 16.30 -25.21
C SER A 185 25.69 16.24 -23.70
N GLY A 186 26.02 17.33 -23.00
CA GLY A 186 25.69 17.51 -21.58
C GLY A 186 26.11 16.42 -20.59
N LEU A 187 27.25 15.80 -20.82
CA LEU A 187 27.71 14.69 -19.97
C LEU A 187 28.04 15.25 -18.60
N TYR A 188 27.51 14.59 -17.57
CA TYR A 188 27.88 14.93 -16.18
C TYR A 188 28.25 13.67 -15.43
N TYR A 189 29.35 13.70 -14.69
CA TYR A 189 29.76 12.53 -13.90
C TYR A 189 30.36 13.04 -12.56
N ASN A 190 29.62 12.85 -11.47
CA ASN A 190 30.12 13.19 -10.11
C ASN A 190 30.71 14.62 -9.97
N GLY A 191 30.02 15.59 -10.57
CA GLY A 191 30.40 17.02 -10.43
C GLY A 191 31.15 17.60 -11.63
N LEU A 192 31.58 16.73 -12.56
CA LEU A 192 32.38 17.13 -13.72
C LEU A 192 31.58 17.17 -15.02
N LYS A 193 31.55 18.32 -15.68
CA LYS A 193 30.88 18.44 -17.01
C LYS A 193 31.96 18.15 -18.08
N VAL A 194 32.15 16.86 -18.39
CA VAL A 194 33.41 16.45 -19.07
C VAL A 194 33.56 17.00 -20.46
N LEU A 195 32.45 17.07 -21.19
CA LEU A 195 32.53 17.61 -22.52
C LEU A 195 32.82 19.12 -22.54
N ASN A 196 32.30 19.87 -21.56
CA ASN A 196 32.65 21.29 -21.45
C ASN A 196 34.15 21.49 -21.15
N MET A 197 34.68 20.65 -20.26
CA MET A 197 36.14 20.69 -19.96
C MET A 197 36.98 20.43 -21.22
N ALA A 198 36.57 19.47 -22.03
CA ALA A 198 37.22 19.21 -23.32
C ALA A 198 37.24 20.46 -24.21
N ALA A 199 36.08 21.12 -24.36
CA ALA A 199 35.96 22.35 -25.17
C ALA A 199 36.76 23.55 -24.66
N GLU A 200 37.08 23.55 -23.38
CA GLU A 200 37.82 24.65 -22.76
C GLU A 200 39.31 24.33 -22.65
N ASN A 201 39.73 23.29 -23.38
CA ASN A 201 41.13 22.86 -23.43
C ASN A 201 41.73 22.54 -22.06
N ASP A 202 41.00 21.79 -21.24
CA ASP A 202 41.49 21.35 -19.93
C ASP A 202 42.77 20.56 -20.12
N ALA A 203 43.71 20.75 -19.20
CA ALA A 203 45.05 20.15 -19.29
C ALA A 203 45.01 18.65 -19.23
N ASN A 204 44.01 18.11 -18.53
CA ASN A 204 43.86 16.67 -18.26
C ASN A 204 43.01 15.88 -19.28
N ILE A 205 42.70 16.52 -20.40
CA ILE A 205 41.83 15.92 -21.43
C ILE A 205 42.65 15.67 -22.69
N ALA A 206 42.44 14.53 -23.35
CA ALA A 206 43.00 14.34 -24.71
C ALA A 206 41.90 13.92 -25.70
N ILE A 207 41.95 14.47 -26.91
CA ILE A 207 41.00 14.09 -27.99
C ILE A 207 41.75 13.51 -29.19
N VAL A 208 41.31 12.34 -29.64
CA VAL A 208 41.92 11.67 -30.81
C VAL A 208 40.86 11.08 -31.75
N GLY A 209 41.20 10.99 -33.03
CA GLY A 209 40.27 10.39 -34.02
C GLY A 209 39.18 11.32 -34.52
N ASN A 210 38.11 10.74 -35.01
CA ASN A 210 37.12 11.51 -35.74
C ASN A 210 36.04 12.04 -34.78
N VAL A 211 36.44 13.03 -33.99
CA VAL A 211 35.55 13.67 -33.00
C VAL A 211 35.64 15.19 -33.20
N ARG A 212 34.48 15.82 -33.36
CA ARG A 212 34.43 17.24 -33.77
C ARG A 212 33.46 18.07 -32.91
N LEU A 213 33.92 19.26 -32.51
CA LEU A 213 33.10 20.15 -31.71
C LEU A 213 32.06 20.88 -32.55
N VAL A 214 30.77 20.72 -32.18
CA VAL A 214 29.70 21.45 -32.88
C VAL A 214 29.73 22.96 -32.47
N GLY A 215 29.81 23.86 -33.44
CA GLY A 215 29.88 25.33 -33.19
C GLY A 215 28.62 25.87 -32.55
N GLU A 216 28.56 27.19 -32.32
CA GLU A 216 27.40 27.83 -31.69
C GLU A 216 26.34 28.26 -32.67
N VAL A 217 25.08 28.25 -32.21
CA VAL A 217 23.94 28.74 -32.98
C VAL A 217 24.13 30.24 -33.22
N PRO A 218 23.77 30.76 -34.40
CA PRO A 218 23.92 32.19 -34.67
C PRO A 218 23.06 32.96 -33.67
N SER A 219 22.30 32.22 -32.89
CA SER A 219 21.06 32.69 -32.30
C SER A 219 19.93 32.19 -33.20
N SER A 220 19.68 32.94 -34.28
CA SER A 220 18.65 32.64 -35.24
C SER A 220 17.23 32.63 -34.70
N GLY B 6 -16.45 -22.32 24.46
CA GLY B 6 -16.07 -22.00 25.87
C GLY B 6 -17.26 -21.44 26.65
N GLY B 7 -17.06 -20.26 27.25
CA GLY B 7 -18.05 -19.63 28.12
C GLY B 7 -18.02 -18.16 27.81
N HIS B 8 -18.52 -17.31 28.71
CA HIS B 8 -18.56 -15.84 28.45
C HIS B 8 -17.12 -15.27 28.32
N ALA B 9 -16.82 -14.55 27.24
CA ALA B 9 -15.44 -14.06 27.00
C ALA B 9 -15.43 -12.57 26.75
N GLY B 10 -14.42 -11.90 27.30
CA GLY B 10 -14.28 -10.43 27.21
C GLY B 10 -15.37 -9.73 27.99
N THR B 11 -15.74 -8.51 27.57
CA THR B 11 -16.77 -7.70 28.26
C THR B 11 -18.13 -8.40 28.44
N THR B 12 -18.54 -8.49 29.69
CA THR B 12 -19.79 -9.22 30.01
C THR B 12 -20.54 -8.51 31.12
N TYR B 13 -21.87 -8.42 30.95
CA TYR B 13 -22.75 -7.78 31.98
C TYR B 13 -23.76 -8.79 32.51
N ILE B 14 -24.10 -8.71 33.81
CA ILE B 14 -25.17 -9.55 34.42
C ILE B 14 -26.41 -8.62 34.66
N PHE B 15 -27.58 -9.10 34.20
CA PHE B 15 -28.90 -8.48 34.39
C PHE B 15 -29.64 -9.25 35.51
N SER B 16 -29.92 -8.54 36.60
CA SER B 16 -30.47 -9.23 37.79
C SER B 16 -31.93 -8.88 38.10
N LYS B 17 -32.47 -9.49 39.17
CA LYS B 17 -33.88 -9.29 39.48
C LYS B 17 -34.29 -7.84 39.40
N GLY B 18 -35.39 -7.60 38.68
CA GLY B 18 -35.94 -6.27 38.37
C GLY B 18 -35.61 -5.98 36.90
N GLY B 19 -34.41 -6.38 36.50
CA GLY B 19 -33.92 -6.08 35.16
C GLY B 19 -33.37 -4.67 35.06
N GLY B 20 -32.86 -4.40 33.87
CA GLY B 20 -32.28 -3.08 33.55
C GLY B 20 -32.07 -2.93 32.05
N GLN B 21 -31.29 -1.90 31.68
CA GLN B 21 -31.20 -1.53 30.28
C GLN B 21 -29.85 -0.89 29.92
N ILE B 22 -29.30 -1.24 28.77
CA ILE B 22 -28.14 -0.51 28.16
C ILE B 22 -28.65 0.08 26.82
N THR B 23 -28.49 1.40 26.61
CA THR B 23 -29.01 2.04 25.38
C THR B 23 -27.90 2.79 24.59
N TYR B 24 -27.69 2.45 23.31
CA TYR B 24 -26.76 3.18 22.46
C TYR B 24 -27.62 4.05 21.53
N LYS B 25 -27.37 5.35 21.52
CA LYS B 25 -28.13 6.30 20.70
C LYS B 25 -27.18 6.94 19.68
N TRP B 26 -27.40 6.71 18.38
CA TRP B 26 -26.58 7.40 17.37
C TRP B 26 -26.86 8.92 17.43
N PRO B 27 -25.82 9.75 17.28
CA PRO B 27 -26.06 11.18 17.03
C PRO B 27 -27.03 11.34 15.82
N PRO B 28 -28.00 12.27 15.92
CA PRO B 28 -28.98 12.54 14.85
C PRO B 28 -28.46 12.50 13.40
N ASN B 29 -27.30 13.11 13.13
CA ASN B 29 -26.77 13.20 11.75
C ASN B 29 -26.07 11.91 11.27
N ASP B 30 -25.87 10.97 12.17
CA ASP B 30 -25.08 9.78 11.88
C ASP B 30 -25.91 8.46 11.90
N ARG B 31 -27.25 8.54 11.81
CA ARG B 31 -28.07 7.29 11.85
C ARG B 31 -27.82 6.51 10.54
N PRO B 32 -27.44 5.24 10.66
CA PRO B 32 -27.21 4.38 9.48
C PRO B 32 -28.47 3.90 8.76
N SER B 33 -28.34 3.67 7.44
CA SER B 33 -29.37 2.97 6.66
C SER B 33 -28.64 1.85 5.91
N THR B 34 -28.95 0.57 6.20
CA THR B 34 -28.16 -0.57 5.65
C THR B 34 -28.91 -1.57 4.75
N ARG B 35 -28.24 -2.03 3.69
CA ARG B 35 -28.72 -3.12 2.87
C ARG B 35 -28.55 -4.49 3.55
N ALA B 36 -27.56 -4.63 4.43
CA ALA B 36 -27.15 -5.94 5.06
C ALA B 36 -26.81 -5.73 6.52
N ASP B 37 -27.18 -6.67 7.39
CA ASP B 37 -26.93 -6.55 8.83
C ASP B 37 -26.34 -7.89 9.34
N ARG B 38 -25.53 -7.80 10.40
CA ARG B 38 -24.90 -8.96 11.00
C ARG B 38 -24.93 -8.65 12.50
N LEU B 39 -25.43 -9.61 13.29
CA LEU B 39 -25.57 -9.49 14.73
C LEU B 39 -25.13 -10.82 15.43
N ALA B 40 -24.36 -10.77 16.52
CA ALA B 40 -23.96 -11.98 17.27
C ALA B 40 -23.93 -11.62 18.74
N ILE B 41 -24.24 -12.58 19.60
CA ILE B 41 -24.14 -12.37 21.05
C ILE B 41 -23.99 -13.73 21.74
N GLY B 42 -23.40 -13.72 22.95
CA GLY B 42 -23.36 -14.91 23.79
C GLY B 42 -24.27 -14.66 25.00
N PHE B 43 -24.97 -15.70 25.45
CA PHE B 43 -25.94 -15.51 26.53
C PHE B 43 -26.10 -16.75 27.40
N SER B 44 -26.61 -16.59 28.64
CA SER B 44 -27.11 -17.76 29.46
C SER B 44 -28.27 -17.25 30.30
N THR B 45 -29.28 -18.11 30.46
CA THR B 45 -30.54 -17.77 31.15
C THR B 45 -31.33 -19.04 31.43
N VAL B 46 -32.17 -18.97 32.46
CA VAL B 46 -33.19 -20.06 32.65
C VAL B 46 -34.64 -19.64 32.27
N GLN B 47 -34.80 -18.40 31.78
CA GLN B 47 -36.17 -17.85 31.48
C GLN B 47 -36.83 -18.54 30.28
N LYS B 48 -38.14 -18.88 30.40
CA LYS B 48 -38.90 -19.39 29.21
C LYS B 48 -39.14 -18.27 28.18
N GLU B 49 -39.16 -16.99 28.61
CA GLU B 49 -39.53 -15.84 27.71
C GLU B 49 -38.73 -14.58 28.10
N ALA B 50 -38.14 -13.89 27.12
CA ALA B 50 -37.42 -12.59 27.34
C ALA B 50 -37.10 -11.93 26.01
N VAL B 51 -36.92 -10.59 26.01
CA VAL B 51 -36.32 -9.90 24.84
C VAL B 51 -34.85 -9.53 25.18
N LEU B 52 -33.93 -9.81 24.27
CA LEU B 52 -32.49 -9.59 24.54
C LEU B 52 -31.97 -8.28 23.90
N VAL B 53 -32.23 -8.11 22.60
CA VAL B 53 -31.72 -6.88 21.88
C VAL B 53 -32.79 -6.41 20.95
N ARG B 54 -32.97 -5.08 20.86
CA ARG B 54 -33.81 -4.55 19.78
C ARG B 54 -33.11 -3.34 19.17
N VAL B 55 -33.16 -3.28 17.83
CA VAL B 55 -32.69 -2.07 17.09
C VAL B 55 -33.93 -1.42 16.50
N ASP B 56 -34.19 -0.14 16.83
CA ASP B 56 -35.35 0.58 16.30
C ASP B 56 -34.92 1.76 15.36
N SER B 57 -35.68 2.00 14.27
CA SER B 57 -35.52 3.19 13.46
C SER B 57 -36.06 4.36 14.28
N SER B 58 -35.82 5.56 13.78
CA SER B 58 -36.21 6.81 14.47
C SER B 58 -37.75 6.95 14.53
N SER B 59 -38.23 7.96 15.25
CA SER B 59 -39.64 8.01 15.58
C SER B 59 -40.52 8.21 14.33
N GLY B 60 -41.65 7.49 14.26
CA GLY B 60 -42.58 7.67 13.11
C GLY B 60 -42.23 6.76 11.92
N LEU B 61 -41.07 6.10 11.97
CA LEU B 61 -40.69 5.10 10.96
C LEU B 61 -40.85 3.68 11.55
N GLY B 62 -41.09 2.71 10.69
CA GLY B 62 -41.50 1.34 11.11
C GLY B 62 -40.52 0.18 11.11
N ASP B 63 -39.33 0.37 10.50
CA ASP B 63 -38.37 -0.75 10.41
C ASP B 63 -37.80 -1.07 11.82
N TYR B 64 -37.56 -2.36 12.10
CA TYR B 64 -36.94 -2.74 13.37
C TYR B 64 -36.34 -4.17 13.28
N LEU B 65 -35.62 -4.56 14.33
CA LEU B 65 -35.01 -5.94 14.45
C LEU B 65 -35.06 -6.32 15.93
N GLU B 66 -35.56 -7.53 16.27
CA GLU B 66 -35.69 -7.98 17.70
C GLU B 66 -35.20 -9.41 17.84
N LEU B 67 -34.33 -9.61 18.84
CA LEU B 67 -33.83 -10.96 19.19
C LEU B 67 -34.45 -11.32 20.53
N HIS B 68 -35.07 -12.51 20.62
CA HIS B 68 -35.88 -12.82 21.79
C HIS B 68 -35.93 -14.33 22.03
N ILE B 69 -36.51 -14.71 23.17
CA ILE B 69 -36.67 -16.16 23.58
C ILE B 69 -38.17 -16.36 23.86
N HIS B 70 -38.76 -17.44 23.32
CA HIS B 70 -40.14 -17.87 23.64
C HIS B 70 -40.20 -19.39 23.80
N GLN B 71 -40.88 -19.87 24.88
CA GLN B 71 -40.97 -21.33 25.21
C GLN B 71 -39.53 -21.97 25.17
N GLY B 72 -38.57 -21.21 25.65
CA GLY B 72 -37.15 -21.63 25.80
C GLY B 72 -36.42 -21.79 24.46
N LYS B 73 -36.97 -21.16 23.39
CA LYS B 73 -36.37 -21.23 22.03
C LYS B 73 -35.91 -19.82 21.57
N ILE B 74 -34.71 -19.69 20.99
CA ILE B 74 -34.27 -18.37 20.49
C ILE B 74 -34.86 -18.07 19.09
N GLY B 75 -35.15 -16.79 18.86
CA GLY B 75 -35.65 -16.42 17.54
C GLY B 75 -35.46 -14.93 17.28
N VAL B 76 -35.79 -14.52 16.05
CA VAL B 76 -35.77 -13.11 15.68
C VAL B 76 -37.08 -12.74 14.94
N LYS B 77 -37.44 -11.45 14.99
CA LYS B 77 -38.50 -10.97 14.10
C LYS B 77 -38.03 -9.59 13.65
N PHE B 78 -38.29 -9.28 12.40
CA PHE B 78 -37.82 -7.96 11.84
C PHE B 78 -38.74 -7.48 10.75
N ASN B 79 -38.63 -6.21 10.42
CA ASN B 79 -39.45 -5.63 9.34
C ASN B 79 -38.55 -4.56 8.68
N VAL B 80 -38.36 -4.64 7.35
CA VAL B 80 -37.56 -3.60 6.64
C VAL B 80 -38.40 -2.81 5.59
N GLY B 81 -39.73 -2.99 5.64
CA GLY B 81 -40.63 -2.13 4.83
C GLY B 81 -41.93 -2.73 4.29
N THR B 82 -42.09 -4.04 4.41
CA THR B 82 -43.33 -4.71 4.02
C THR B 82 -43.96 -5.46 5.21
N ASP B 83 -43.83 -6.78 5.26
CA ASP B 83 -44.44 -7.58 6.32
C ASP B 83 -43.38 -8.00 7.37
N ASP B 84 -43.86 -8.37 8.56
CA ASP B 84 -42.98 -8.85 9.61
C ASP B 84 -42.52 -10.26 9.23
N ILE B 85 -41.23 -10.51 9.45
CA ILE B 85 -40.61 -11.82 9.16
C ILE B 85 -40.08 -12.42 10.47
N ALA B 86 -40.43 -13.71 10.73
CA ALA B 86 -40.00 -14.38 11.96
C ALA B 86 -39.23 -15.66 11.63
N ILE B 87 -38.16 -15.94 12.40
CA ILE B 87 -37.35 -17.13 12.21
C ILE B 87 -37.01 -17.63 13.62
N GLU B 88 -37.20 -18.94 13.86
CA GLU B 88 -37.00 -19.51 15.21
C GLU B 88 -36.19 -20.79 15.08
N GLU B 89 -35.26 -21.02 16.02
CA GLU B 89 -34.61 -22.38 16.07
C GLU B 89 -35.49 -23.22 16.97
N SER B 90 -36.44 -23.97 16.37
CA SER B 90 -37.39 -24.72 17.18
C SER B 90 -36.87 -26.06 17.70
N ASN B 91 -35.62 -26.40 17.33
CA ASN B 91 -35.11 -27.78 17.58
C ASN B 91 -34.08 -27.87 18.72
N ALA B 92 -33.78 -26.77 19.39
CA ALA B 92 -32.84 -26.76 20.52
C ALA B 92 -33.46 -25.91 21.65
N ILE B 93 -33.68 -26.55 22.82
CA ILE B 93 -34.06 -25.77 24.01
C ILE B 93 -32.79 -25.12 24.57
N ILE B 94 -32.81 -23.79 24.80
CA ILE B 94 -31.61 -23.01 25.21
C ILE B 94 -31.71 -22.27 26.59
N ASN B 95 -32.79 -22.49 27.34
CA ASN B 95 -32.96 -21.85 28.65
C ASN B 95 -32.52 -22.82 29.75
N ASP B 96 -31.33 -23.42 29.55
CA ASP B 96 -30.79 -24.41 30.49
C ASP B 96 -29.74 -23.83 31.47
N GLY B 97 -29.50 -22.50 31.39
CA GLY B 97 -28.60 -21.84 32.34
C GLY B 97 -27.14 -22.07 31.92
N LYS B 98 -26.93 -22.54 30.68
CA LYS B 98 -25.57 -22.79 30.16
C LYS B 98 -25.29 -21.78 29.02
N TYR B 99 -24.00 -21.57 28.71
CA TYR B 99 -23.62 -20.60 27.65
C TYR B 99 -23.95 -21.07 26.21
N HIS B 100 -24.59 -20.18 25.44
CA HIS B 100 -24.92 -20.38 24.00
C HIS B 100 -24.52 -19.15 23.17
N VAL B 101 -24.32 -19.32 21.86
CA VAL B 101 -24.05 -18.20 20.93
C VAL B 101 -25.19 -18.18 19.89
N VAL B 102 -25.57 -16.99 19.42
CA VAL B 102 -26.50 -16.84 18.28
C VAL B 102 -25.90 -15.88 17.26
N ARG B 103 -26.07 -16.23 15.97
CA ARG B 103 -25.65 -15.40 14.84
C ARG B 103 -26.90 -15.21 13.97
N PHE B 104 -27.15 -13.95 13.63
CA PHE B 104 -28.25 -13.57 12.68
C PHE B 104 -27.65 -12.72 11.56
N THR B 105 -28.05 -12.96 10.29
CA THR B 105 -27.68 -12.11 9.19
C THR B 105 -28.92 -11.83 8.33
N ARG B 106 -28.92 -10.67 7.71
CA ARG B 106 -29.90 -10.27 6.70
C ARG B 106 -29.13 -9.64 5.53
N SER B 107 -29.60 -9.91 4.31
CA SER B 107 -28.99 -9.37 3.08
C SER B 107 -30.19 -9.11 2.20
N GLY B 108 -30.58 -7.84 2.16
CA GLY B 108 -31.80 -7.45 1.43
C GLY B 108 -33.01 -8.20 1.98
N GLY B 109 -33.65 -8.99 1.13
CA GLY B 109 -34.83 -9.77 1.57
C GLY B 109 -34.55 -11.15 2.18
N ASN B 110 -33.29 -11.60 2.08
CA ASN B 110 -32.87 -12.92 2.60
C ASN B 110 -32.38 -12.81 4.06
N ALA B 111 -32.43 -13.93 4.83
CA ALA B 111 -31.94 -13.90 6.23
C ALA B 111 -31.52 -15.29 6.69
N THR B 112 -30.65 -15.34 7.71
CA THR B 112 -30.24 -16.62 8.32
C THR B 112 -30.18 -16.54 9.84
N LEU B 113 -30.36 -17.68 10.50
CA LEU B 113 -30.24 -17.75 11.96
C LEU B 113 -29.47 -19.00 12.31
N GLN B 114 -28.59 -18.96 13.31
CA GLN B 114 -27.82 -20.19 13.68
C GLN B 114 -27.52 -20.14 15.17
N VAL B 115 -27.84 -21.22 15.88
CA VAL B 115 -27.60 -21.29 17.36
C VAL B 115 -26.40 -22.25 17.56
N ASP B 116 -25.38 -21.84 18.35
CA ASP B 116 -24.24 -22.74 18.63
C ASP B 116 -23.67 -23.23 17.27
N SER B 117 -23.48 -24.54 17.08
CA SER B 117 -23.01 -25.07 15.80
C SER B 117 -24.06 -25.89 15.06
N TRP B 118 -25.33 -25.69 15.42
CA TRP B 118 -26.41 -26.46 14.72
C TRP B 118 -26.58 -25.98 13.26
N PRO B 119 -27.30 -26.73 12.43
CA PRO B 119 -27.51 -26.28 11.04
C PRO B 119 -28.06 -24.86 10.92
N VAL B 120 -27.56 -24.09 9.93
CA VAL B 120 -28.02 -22.73 9.63
C VAL B 120 -29.43 -22.82 9.10
N ILE B 121 -30.34 -21.96 9.61
CA ILE B 121 -31.68 -21.86 9.06
C ILE B 121 -31.73 -20.71 8.06
N GLU B 122 -32.04 -21.03 6.80
CA GLU B 122 -32.05 -19.99 5.74
C GLU B 122 -33.50 -19.68 5.33
N ARG B 123 -33.80 -18.38 5.18
CA ARG B 123 -35.12 -17.92 4.78
C ARG B 123 -35.00 -17.04 3.53
N TYR B 124 -35.60 -17.47 2.42
CA TYR B 124 -35.59 -16.74 1.11
C TYR B 124 -36.42 -15.46 1.20
N PRO B 142 -35.44 8.72 -22.22
CA PRO B 142 -34.34 9.17 -23.07
C PRO B 142 -33.12 9.49 -22.24
N TYR B 143 -31.92 9.39 -22.83
CA TYR B 143 -30.65 9.86 -22.22
C TYR B 143 -30.65 10.35 -20.79
N ARG B 144 -30.20 11.58 -20.57
CA ARG B 144 -30.03 12.09 -19.20
C ARG B 144 -31.30 11.94 -18.34
N LEU B 145 -32.39 12.64 -18.70
CA LEU B 145 -33.57 12.74 -17.80
C LEU B 145 -34.20 11.36 -17.53
N GLY B 146 -34.32 10.54 -18.58
CA GLY B 146 -34.91 9.20 -18.44
C GLY B 146 -34.11 8.38 -17.43
N ARG B 147 -32.78 8.52 -17.51
CA ARG B 147 -31.90 7.82 -16.57
C ARG B 147 -32.08 8.25 -15.10
N VAL B 148 -32.15 9.58 -14.89
CA VAL B 148 -32.39 10.16 -13.55
C VAL B 148 -33.68 9.58 -12.94
N VAL B 149 -34.72 9.56 -13.76
CA VAL B 149 -36.05 9.12 -13.30
C VAL B 149 -36.06 7.60 -13.02
N ASP B 150 -35.45 6.80 -13.90
CA ASP B 150 -35.39 5.35 -13.70
C ASP B 150 -34.65 5.04 -12.42
N GLU B 151 -33.57 5.78 -12.16
CA GLU B 151 -32.79 5.56 -10.94
C GLU B 151 -33.59 5.96 -9.67
N TRP B 152 -34.36 7.07 -9.73
CA TRP B 152 -35.19 7.45 -8.59
C TRP B 152 -36.26 6.34 -8.32
N LEU B 153 -36.87 5.78 -9.36
CA LEU B 153 -37.88 4.69 -9.13
C LEU B 153 -37.23 3.48 -8.49
N LEU B 154 -36.03 3.14 -8.97
CA LEU B 154 -35.31 2.00 -8.41
C LEU B 154 -34.91 2.24 -6.94
N ASP B 155 -34.48 3.48 -6.63
CA ASP B 155 -34.11 3.86 -5.28
C ASP B 155 -35.32 3.71 -4.35
N LYS B 156 -36.48 4.10 -4.85
CA LYS B 156 -37.71 3.99 -4.07
C LYS B 156 -38.03 2.52 -3.73
N GLY B 157 -37.99 1.62 -4.72
CA GLY B 157 -38.27 0.19 -4.47
C GLY B 157 -37.21 -0.46 -3.56
N ARG B 158 -35.98 0.02 -3.67
CA ARG B 158 -34.85 -0.49 -2.86
C ARG B 158 -35.02 -0.27 -1.37
N GLN B 159 -35.73 0.81 -1.00
CA GLN B 159 -35.99 1.14 0.44
C GLN B 159 -36.78 -0.01 1.18
N LEU B 160 -37.54 -0.81 0.43
CA LEU B 160 -38.27 -1.97 1.03
C LEU B 160 -37.35 -3.10 1.47
N THR B 161 -36.06 -3.05 1.08
CA THR B 161 -35.10 -4.10 1.47
C THR B 161 -33.87 -3.49 2.18
N ILE B 162 -34.03 -2.26 2.68
CA ILE B 162 -33.00 -1.57 3.46
C ILE B 162 -33.59 -1.24 4.86
N PHE B 163 -32.78 -1.42 5.91
CA PHE B 163 -33.19 -1.04 7.29
C PHE B 163 -32.86 0.45 7.46
N ASN B 164 -33.87 1.31 7.33
CA ASN B 164 -33.68 2.75 7.35
C ASN B 164 -33.60 3.47 8.70
N SER B 165 -32.67 4.42 8.79
CA SER B 165 -32.62 5.44 9.84
C SER B 165 -32.58 4.81 11.25
N GLN B 166 -31.60 3.93 11.46
CA GLN B 166 -31.41 3.24 12.75
C GLN B 166 -31.01 4.28 13.84
N ALA B 167 -31.77 4.30 14.96
CA ALA B 167 -31.71 5.38 16.00
C ALA B 167 -31.20 4.92 17.37
N THR B 168 -31.58 3.69 17.75
CA THR B 168 -31.15 3.10 19.06
C THR B 168 -30.91 1.60 19.00
N ILE B 169 -29.97 1.15 19.84
CA ILE B 169 -29.83 -0.31 20.12
C ILE B 169 -30.11 -0.41 21.63
N ILE B 170 -31.15 -1.17 22.00
CA ILE B 170 -31.56 -1.27 23.41
C ILE B 170 -31.40 -2.75 23.83
N ILE B 171 -30.70 -2.98 24.94
CA ILE B 171 -30.35 -4.33 25.40
C ILE B 171 -31.01 -4.54 26.75
N GLY B 172 -31.77 -5.62 26.93
CA GLY B 172 -32.31 -5.96 28.26
C GLY B 172 -33.81 -6.20 28.34
N GLY B 173 -34.51 -5.80 27.27
CA GLY B 173 -35.92 -6.10 27.08
C GLY B 173 -36.92 -5.43 28.03
N LYS B 174 -36.43 -4.56 28.92
CA LYS B 174 -37.34 -4.02 29.96
C LYS B 174 -38.41 -3.12 29.36
N GLU B 175 -38.00 -2.30 28.40
CA GLU B 175 -38.89 -1.32 27.75
C GLU B 175 -39.92 -2.02 26.88
N GLN B 176 -39.63 -3.26 26.51
CA GLN B 176 -40.55 -4.06 25.72
C GLN B 176 -41.45 -4.92 26.64
N GLY B 177 -41.31 -4.80 27.97
CA GLY B 177 -42.14 -5.62 28.92
C GLY B 177 -41.77 -7.11 29.13
N GLN B 178 -40.58 -7.49 28.67
CA GLN B 178 -40.08 -8.88 28.78
C GLN B 178 -38.62 -8.84 29.24
N PRO B 179 -38.40 -8.38 30.48
CA PRO B 179 -37.04 -8.14 30.98
C PRO B 179 -36.21 -9.40 30.95
N PHE B 180 -34.97 -9.27 30.47
CA PHE B 180 -33.96 -10.36 30.48
C PHE B 180 -33.30 -10.49 31.86
N GLN B 181 -33.06 -11.73 32.30
CA GLN B 181 -32.35 -12.00 33.57
C GLN B 181 -31.33 -13.09 33.22
N GLY B 182 -30.04 -12.78 33.38
CA GLY B 182 -28.96 -13.74 33.03
C GLY B 182 -27.71 -12.95 32.66
N GLN B 183 -26.83 -13.56 31.85
CA GLN B 183 -25.52 -12.94 31.50
C GLN B 183 -25.46 -12.74 29.95
N LEU B 184 -24.90 -11.61 29.50
CA LEU B 184 -24.72 -11.35 28.05
C LEU B 184 -23.27 -10.98 27.80
N SER B 185 -22.69 -11.43 26.68
CA SER B 185 -21.29 -11.01 26.37
C SER B 185 -21.09 -10.93 24.90
N GLY B 186 -20.01 -10.24 24.50
CA GLY B 186 -19.52 -10.31 23.11
C GLY B 186 -20.48 -9.78 22.03
N LEU B 187 -21.41 -8.90 22.38
CA LEU B 187 -22.39 -8.36 21.43
C LEU B 187 -21.70 -7.57 20.31
N TYR B 188 -22.10 -7.85 19.06
CA TYR B 188 -21.56 -7.19 17.86
C TYR B 188 -22.72 -6.93 16.94
N TYR B 189 -22.82 -5.69 16.48
CA TYR B 189 -23.89 -5.25 15.54
C TYR B 189 -23.27 -4.29 14.48
N ASN B 190 -23.16 -4.77 13.23
CA ASN B 190 -22.65 -3.92 12.11
C ASN B 190 -21.43 -3.09 12.48
N GLY B 191 -20.40 -3.79 12.98
CA GLY B 191 -19.10 -3.17 13.32
C GLY B 191 -18.90 -2.60 14.72
N LEU B 192 -19.98 -2.57 15.51
CA LEU B 192 -19.97 -1.99 16.86
C LEU B 192 -19.96 -3.08 17.93
N LYS B 193 -18.94 -3.11 18.81
CA LYS B 193 -18.99 -4.03 19.99
C LYS B 193 -19.64 -3.23 21.14
N VAL B 194 -20.96 -3.30 21.23
CA VAL B 194 -21.73 -2.34 22.05
C VAL B 194 -21.44 -2.47 23.53
N LEU B 195 -21.29 -3.70 24.03
CA LEU B 195 -21.02 -3.87 25.47
C LEU B 195 -19.61 -3.35 25.85
N ASN B 196 -18.63 -3.55 24.96
CA ASN B 196 -17.30 -2.96 25.15
C ASN B 196 -17.34 -1.42 25.17
N MET B 197 -18.17 -0.82 24.30
CA MET B 197 -18.31 0.69 24.25
C MET B 197 -18.92 1.16 25.60
N ALA B 198 -19.90 0.40 26.09
CA ALA B 198 -20.49 0.68 27.40
C ALA B 198 -19.44 0.67 28.55
N ALA B 199 -18.58 -0.35 28.62
CA ALA B 199 -17.52 -0.44 29.67
C ALA B 199 -16.47 0.66 29.58
N GLU B 200 -16.30 1.17 28.36
CA GLU B 200 -15.33 2.25 28.11
C GLU B 200 -15.92 3.66 28.24
N ASN B 201 -17.12 3.71 28.81
CA ASN B 201 -17.85 4.96 29.07
C ASN B 201 -18.05 5.81 27.83
N ASP B 202 -18.49 5.18 26.74
CA ASP B 202 -18.80 5.89 25.50
C ASP B 202 -19.83 7.00 25.76
N ALA B 203 -19.61 8.16 25.16
CA ALA B 203 -20.49 9.32 25.33
C ALA B 203 -21.95 9.02 24.97
N ASN B 204 -22.16 8.12 24.00
CA ASN B 204 -23.51 7.83 23.45
C ASN B 204 -24.25 6.63 24.07
N ILE B 205 -23.75 6.16 25.22
CA ILE B 205 -24.33 5.00 25.94
C ILE B 205 -24.96 5.45 27.27
N ALA B 206 -26.11 4.90 27.63
CA ALA B 206 -26.70 5.11 28.96
C ALA B 206 -27.03 3.76 29.61
N ILE B 207 -26.65 3.57 30.88
CA ILE B 207 -27.00 2.33 31.61
C ILE B 207 -27.88 2.70 32.81
N VAL B 208 -29.01 2.01 32.94
CA VAL B 208 -29.97 2.17 34.04
C VAL B 208 -30.52 0.80 34.59
N GLY B 209 -30.87 0.79 35.87
CA GLY B 209 -31.45 -0.44 36.44
C GLY B 209 -30.43 -1.47 36.96
N ASN B 210 -30.86 -2.72 37.09
CA ASN B 210 -30.06 -3.72 37.77
C ASN B 210 -29.15 -4.41 36.77
N VAL B 211 -28.14 -3.68 36.32
CA VAL B 211 -27.17 -4.22 35.35
C VAL B 211 -25.74 -3.90 35.83
N ARG B 212 -24.87 -4.91 35.81
CA ARG B 212 -23.60 -4.83 36.53
C ARG B 212 -22.46 -5.40 35.65
N LEU B 213 -21.33 -4.65 35.62
CA LEU B 213 -20.22 -5.09 34.77
C LEU B 213 -19.40 -6.13 35.52
N VAL B 214 -19.18 -7.30 34.92
CA VAL B 214 -18.36 -8.33 35.60
C VAL B 214 -16.86 -7.96 35.53
N GLY B 215 -16.16 -8.02 36.65
CA GLY B 215 -14.71 -7.66 36.76
C GLY B 215 -13.79 -8.66 36.07
N GLU B 216 -12.47 -8.46 36.23
CA GLU B 216 -11.47 -9.28 35.55
C GLU B 216 -11.08 -10.56 36.31
N VAL B 217 -10.80 -11.65 35.59
CA VAL B 217 -10.20 -12.82 36.27
C VAL B 217 -8.83 -12.44 36.85
N PRO B 218 -8.48 -13.03 38.00
CA PRO B 218 -7.23 -12.71 38.66
C PRO B 218 -6.09 -12.52 37.68
CA CA C . 35.49 -1.33 -4.45
CA CA D . -36.85 0.14 4.81
#